data_4NT0
#
_entry.id   4NT0
#
_cell.length_a   56.886
_cell.length_b   56.896
_cell.length_c   125.179
_cell.angle_alpha   90.00
_cell.angle_beta   90.00
_cell.angle_gamma   90.00
#
_symmetry.space_group_name_H-M   'P 21 21 21'
#
loop_
_entity.id
_entity.type
_entity.pdbx_description
1 polymer "Orotidine 5'-phosphate decarboxylase"
2 non-polymer 4-hydroxy-1-(5-O-phosphono-beta-D-ribofuranosyl)pyridin-2(1H)-one
3 non-polymer 'CALCIUM ION'
4 non-polymer DI(HYDROXYETHYL)ETHER
5 water water
#
_entity_poly.entity_id   1
_entity_poly.type   'polypeptide(L)'
_entity_poly.pdbx_seq_one_letter_code
;MRSRRVDVMDVMNRLILAMDLMNRDDALRVTGEVREYIDTVKIGYPLVLSEGMDIIAEFRKRFGCRIIADFKVADIPETN
EKICRATFKAGADAIIVHGFPGADSVRACLNVAEEMGREVFLLTEMSHPGAEMFIQGAADEIARMGVDLGVKNYVGPSTR
PERLSRLREIIGQDSFLISPGVGAQGGDPGETLRFADAIIVGRSIYLADNPAAAAAGIIESIKDLLNP
;
_entity_poly.pdbx_strand_id   A,B
#
# COMPACT_ATOMS: atom_id res chain seq x y z
N ARG A 2 -0.33 4.62 31.37
CA ARG A 2 -0.27 3.17 31.12
C ARG A 2 1.12 2.62 31.41
N SER A 3 1.19 1.55 32.20
CA SER A 3 2.46 0.88 32.45
C SER A 3 2.83 -0.04 31.29
N ARG A 4 4.13 -0.26 31.09
CA ARG A 4 4.61 -1.14 30.01
C ARG A 4 4.18 -2.59 30.25
N ARG A 5 3.72 -3.26 29.21
CA ARG A 5 3.49 -4.70 29.31
C ARG A 5 4.79 -5.39 28.89
N VAL A 6 5.17 -6.45 29.61
CA VAL A 6 6.43 -7.14 29.31
C VAL A 6 6.41 -7.80 27.93
N ASP A 7 5.23 -8.25 27.50
CA ASP A 7 5.16 -9.05 26.29
C ASP A 7 5.03 -8.24 24.99
N VAL A 8 5.02 -6.91 25.09
CA VAL A 8 5.00 -6.07 23.88
C VAL A 8 6.17 -5.08 23.84
N MET A 9 6.39 -4.46 22.68
CA MET A 9 7.59 -3.65 22.49
C MET A 9 7.70 -2.42 23.41
N ASP A 10 8.93 -2.08 23.79
CA ASP A 10 9.18 -0.87 24.56
C ASP A 10 9.62 0.22 23.61
N VAL A 11 8.89 1.33 23.61
CA VAL A 11 9.25 2.46 22.78
C VAL A 11 9.84 3.53 23.69
N MET A 12 11.08 3.91 23.46
CA MET A 12 11.71 4.87 24.36
C MET A 12 10.94 6.17 24.41
N ASN A 13 10.65 6.61 25.63
CA ASN A 13 9.90 7.85 25.87
C ASN A 13 8.51 7.92 25.24
N ARG A 14 8.00 6.78 24.75
CA ARG A 14 6.65 6.70 24.18
C ARG A 14 6.46 7.61 22.98
N LEU A 15 7.55 7.89 22.28
CA LEU A 15 7.54 8.81 21.16
C LEU A 15 8.20 8.17 19.94
N ILE A 16 7.41 7.97 18.89
CA ILE A 16 7.87 7.39 17.65
C ILE A 16 8.05 8.50 16.62
N LEU A 17 9.22 8.55 16.00
CA LEU A 17 9.45 9.54 14.96
C LEU A 17 8.91 9.04 13.62
N ALA A 18 8.03 9.81 12.99
CA ALA A 18 7.60 9.48 11.64
C ALA A 18 8.54 10.19 10.67
N MET A 19 9.40 9.43 10.00
CA MET A 19 10.40 10.02 9.13
C MET A 19 9.91 9.96 7.69
N ASP A 20 9.20 11.00 7.28
CA ASP A 20 8.64 11.08 5.95
C ASP A 20 9.38 12.04 5.01
N LEU A 21 10.57 12.49 5.41
CA LEU A 21 11.44 13.21 4.49
C LEU A 21 11.83 12.25 3.38
N MET A 22 12.04 12.77 2.17
CA MET A 22 12.19 11.90 1.02
C MET A 22 13.61 11.91 0.49
N ASN A 23 14.49 12.61 1.21
CA ASN A 23 15.89 12.70 0.88
C ASN A 23 16.73 12.03 1.96
N ARG A 24 17.60 11.11 1.54
CA ARG A 24 18.41 10.32 2.47
C ARG A 24 19.23 11.18 3.44
N ASP A 25 19.86 12.23 2.91
CA ASP A 25 20.71 13.07 3.75
C ASP A 25 19.95 13.75 4.88
N ASP A 26 18.80 14.32 4.55
CA ASP A 26 17.98 15.01 5.53
C ASP A 26 17.38 14.03 6.53
N ALA A 27 16.93 12.88 6.04
CA ALA A 27 16.36 11.86 6.91
C ALA A 27 17.36 11.34 7.95
N LEU A 28 18.57 11.03 7.51
CA LEU A 28 19.62 10.55 8.42
C LEU A 28 20.04 11.61 9.43
N ARG A 29 20.13 12.86 8.98
CA ARG A 29 20.53 13.96 9.85
C ARG A 29 19.57 14.13 11.02
N VAL A 30 18.29 14.27 10.71
CA VAL A 30 17.26 14.44 11.74
C VAL A 30 17.21 13.26 12.71
N THR A 31 17.18 12.05 12.17
CA THR A 31 17.11 10.84 12.99
C THR A 31 18.32 10.72 13.93
N GLY A 32 19.53 10.97 13.41
CA GLY A 32 20.71 10.95 14.24
C GLY A 32 20.63 11.96 15.37
N GLU A 33 20.00 13.09 15.09
CA GLU A 33 19.90 14.17 16.07
C GLU A 33 19.02 13.83 17.26
N VAL A 34 17.99 13.03 17.02
CA VAL A 34 17.02 12.74 18.06
C VAL A 34 17.22 11.37 18.70
N ARG A 35 18.25 10.64 18.30
CA ARG A 35 18.46 9.27 18.78
C ARG A 35 18.52 9.15 20.30
N GLU A 36 18.97 10.21 20.98
CA GLU A 36 19.03 10.20 22.43
C GLU A 36 17.65 10.39 23.06
N TYR A 37 16.64 10.62 22.23
CA TYR A 37 15.29 10.81 22.73
C TYR A 37 14.35 9.71 22.26
N ILE A 38 14.65 9.18 21.07
CA ILE A 38 13.74 8.26 20.39
C ILE A 38 14.50 7.01 19.94
N ASP A 39 13.93 5.83 20.14
CA ASP A 39 14.60 4.61 19.67
C ASP A 39 13.80 3.86 18.62
N THR A 40 12.65 4.42 18.26
CA THR A 40 11.73 3.79 17.32
C THR A 40 11.36 4.78 16.22
N VAL A 41 11.61 4.37 14.98
CA VAL A 41 11.38 5.23 13.81
C VAL A 41 10.41 4.55 12.85
N LYS A 42 9.40 5.31 12.40
CA LYS A 42 8.43 4.81 11.42
C LYS A 42 8.81 5.35 10.05
N ILE A 43 9.08 4.44 9.12
CA ILE A 43 9.50 4.79 7.77
C ILE A 43 8.42 4.32 6.81
N GLY A 44 8.08 5.16 5.84
CA GLY A 44 7.05 4.79 4.90
C GLY A 44 7.56 4.79 3.46
N TYR A 45 6.63 4.60 2.53
CA TYR A 45 6.99 4.60 1.12
C TYR A 45 7.64 5.86 0.54
N PRO A 46 7.26 7.07 1.04
CA PRO A 46 7.90 8.25 0.43
C PRO A 46 9.43 8.19 0.53
N LEU A 47 9.95 7.77 1.69
CA LEU A 47 11.41 7.67 1.82
C LEU A 47 11.98 6.42 1.10
N VAL A 48 11.34 5.27 1.26
CA VAL A 48 11.94 4.06 0.68
C VAL A 48 11.83 4.00 -0.84
N LEU A 49 10.76 4.56 -1.40
CA LEU A 49 10.65 4.59 -2.84
C LEU A 49 11.61 5.60 -3.44
N SER A 50 11.95 6.63 -2.68
CA SER A 50 12.88 7.66 -3.15
C SER A 50 14.33 7.21 -3.01
N GLU A 51 14.66 6.53 -1.93
CA GLU A 51 16.04 6.22 -1.61
C GLU A 51 16.42 4.75 -1.62
N GLY A 52 15.43 3.87 -1.70
CA GLY A 52 15.70 2.45 -1.76
C GLY A 52 15.46 1.80 -0.41
N MET A 53 15.16 0.50 -0.43
CA MET A 53 14.90 -0.25 0.80
C MET A 53 16.17 -0.41 1.64
N ASP A 54 17.32 -0.20 1.03
CA ASP A 54 18.59 -0.28 1.75
C ASP A 54 18.69 0.77 2.85
N ILE A 55 17.83 1.78 2.81
CA ILE A 55 17.89 2.82 3.85
C ILE A 55 17.49 2.28 5.22
N ILE A 56 16.67 1.25 5.24
CA ILE A 56 16.26 0.62 6.51
C ILE A 56 17.48 0.10 7.26
N ALA A 57 18.34 -0.62 6.56
CA ALA A 57 19.50 -1.22 7.17
C ALA A 57 20.44 -0.12 7.61
N GLU A 58 20.45 0.98 6.85
CA GLU A 58 21.31 2.10 7.20
C GLU A 58 20.87 2.75 8.51
N PHE A 59 19.57 2.97 8.68
CA PHE A 59 19.03 3.48 9.92
C PHE A 59 19.43 2.57 11.08
N ARG A 60 19.33 1.27 10.86
CA ARG A 60 19.70 0.30 11.89
C ARG A 60 21.21 0.26 12.18
N LYS A 61 22.05 0.29 11.16
CA LYS A 61 23.51 0.25 11.38
C LYS A 61 24.03 1.52 12.02
N ARG A 62 23.38 2.64 11.71
CA ARG A 62 23.84 3.95 12.20
C ARG A 62 23.31 4.32 13.58
N PHE A 63 22.05 4.00 13.84
CA PHE A 63 21.36 4.49 15.02
C PHE A 63 20.86 3.35 15.92
N GLY A 64 20.80 2.14 15.37
CA GLY A 64 20.34 1.00 16.13
C GLY A 64 18.90 1.18 16.62
N CYS A 65 18.12 1.91 15.85
CA CYS A 65 16.73 2.14 16.21
C CYS A 65 15.84 1.02 15.71
N ARG A 66 14.71 0.84 16.36
CA ARG A 66 13.66 -0.04 15.86
C ARG A 66 13.02 0.65 14.66
N ILE A 67 12.74 -0.14 13.62
CA ILE A 67 12.11 0.38 12.41
C ILE A 67 10.74 -0.25 12.21
N ILE A 68 9.71 0.60 12.12
CA ILE A 68 8.37 0.17 11.73
C ILE A 68 8.11 0.63 10.31
N ALA A 69 7.84 -0.31 9.40
CA ALA A 69 7.60 0.03 8.01
C ALA A 69 6.10 0.34 7.86
N ASP A 70 5.78 1.60 7.61
CA ASP A 70 4.39 2.02 7.49
C ASP A 70 3.98 1.89 6.02
N PHE A 71 3.74 0.65 5.61
CA PHE A 71 3.53 0.35 4.20
C PHE A 71 2.05 0.15 3.92
N LYS A 72 1.24 0.17 4.98
CA LYS A 72 -0.21 0.03 4.88
C LYS A 72 -0.60 -1.07 3.92
N VAL A 73 -0.08 -2.27 4.19
CA VAL A 73 -0.17 -3.39 3.27
C VAL A 73 -1.62 -3.74 3.03
N ALA A 74 -2.00 -3.82 1.75
CA ALA A 74 -3.41 -3.92 1.41
C ALA A 74 -3.64 -4.69 0.12
N ASP A 75 -2.92 -5.80 -0.05
CA ASP A 75 -3.08 -6.61 -1.26
C ASP A 75 -3.79 -7.93 -0.98
N ILE A 76 -3.84 -8.80 -1.99
CA ILE A 76 -4.35 -10.16 -1.80
C ILE A 76 -3.32 -10.92 -0.96
N PRO A 77 -3.73 -12.05 -0.35
CA PRO A 77 -2.82 -12.79 0.54
C PRO A 77 -1.46 -13.19 -0.03
N GLU A 78 -1.40 -13.77 -1.22
CA GLU A 78 -0.11 -14.20 -1.75
C GLU A 78 0.84 -13.01 -1.94
N THR A 79 0.30 -11.88 -2.38
CA THR A 79 1.11 -10.69 -2.59
C THR A 79 1.55 -10.08 -1.27
N ASN A 80 0.63 -10.02 -0.30
CA ASN A 80 0.97 -9.53 1.03
C ASN A 80 2.17 -10.27 1.61
N GLU A 81 2.16 -11.59 1.43
CA GLU A 81 3.27 -12.43 1.90
C GLU A 81 4.61 -11.97 1.31
N LYS A 82 4.64 -11.68 0.02
CA LYS A 82 5.88 -11.28 -0.64
C LYS A 82 6.36 -9.90 -0.16
N ILE A 83 5.41 -8.98 -0.03
CA ILE A 83 5.72 -7.64 0.49
C ILE A 83 6.29 -7.72 1.90
N CYS A 84 5.66 -8.51 2.76
CA CYS A 84 6.17 -8.65 4.12
C CYS A 84 7.56 -9.29 4.14
N ARG A 85 7.74 -10.35 3.35
N ARG A 85 7.74 -10.35 3.35
CA ARG A 85 9.04 -11.03 3.34
CA ARG A 85 9.02 -11.03 3.31
C ARG A 85 10.15 -10.09 2.88
C ARG A 85 10.14 -10.09 2.88
N ALA A 86 9.90 -9.33 1.82
CA ALA A 86 10.89 -8.39 1.30
C ALA A 86 11.22 -7.30 2.31
N THR A 87 10.18 -6.84 3.01
CA THR A 87 10.33 -5.76 3.97
C THR A 87 11.12 -6.18 5.23
N PHE A 88 10.82 -7.38 5.72
CA PHE A 88 11.52 -7.93 6.89
C PHE A 88 12.95 -8.32 6.50
N LYS A 89 13.12 -8.83 5.28
CA LYS A 89 14.46 -9.16 4.76
C LYS A 89 15.33 -7.91 4.75
N ALA A 90 14.72 -6.78 4.38
CA ALA A 90 15.39 -5.49 4.38
C ALA A 90 15.74 -5.00 5.80
N GLY A 91 15.14 -5.61 6.82
CA GLY A 91 15.53 -5.32 8.19
C GLY A 91 14.47 -4.67 9.06
N ALA A 92 13.27 -4.44 8.54
CA ALA A 92 12.20 -3.84 9.34
C ALA A 92 11.80 -4.75 10.50
N ASP A 93 11.58 -4.15 11.67
CA ASP A 93 11.20 -4.91 12.86
C ASP A 93 9.71 -5.22 12.87
N ALA A 94 8.96 -4.38 12.16
CA ALA A 94 7.50 -4.46 12.15
C ALA A 94 6.94 -3.76 10.92
N ILE A 95 5.72 -4.13 10.56
CA ILE A 95 5.09 -3.57 9.38
C ILE A 95 3.63 -3.22 9.73
N ILE A 96 3.13 -2.15 9.14
CA ILE A 96 1.74 -1.75 9.36
C ILE A 96 0.88 -2.24 8.19
N VAL A 97 -0.22 -2.93 8.52
N VAL A 97 -0.19 -2.95 8.52
CA VAL A 97 -1.06 -3.60 7.54
CA VAL A 97 -1.05 -3.54 7.49
C VAL A 97 -2.52 -3.15 7.66
C VAL A 97 -2.49 -3.04 7.64
N HIS A 98 -3.17 -2.91 6.52
CA HIS A 98 -4.60 -2.55 6.52
C HIS A 98 -5.45 -3.75 6.86
N GLY A 99 -6.61 -3.49 7.46
CA GLY A 99 -7.55 -4.53 7.82
C GLY A 99 -8.70 -4.65 6.84
N PHE A 100 -8.94 -3.58 6.09
N PHE A 100 -8.97 -3.59 6.09
CA PHE A 100 -10.06 -3.52 5.15
CA PHE A 100 -10.13 -3.62 5.20
C PHE A 100 -10.09 -4.66 4.12
C PHE A 100 -10.11 -4.70 4.09
N PRO A 101 -8.92 -5.13 3.63
CA PRO A 101 -8.97 -6.27 2.70
C PRO A 101 -9.34 -7.61 3.34
N GLY A 102 -9.50 -7.66 4.66
CA GLY A 102 -10.08 -8.84 5.28
C GLY A 102 -9.08 -9.74 5.98
N ALA A 103 -9.59 -10.81 6.58
CA ALA A 103 -8.82 -11.61 7.53
C ALA A 103 -7.68 -12.40 6.88
N ASP A 104 -7.95 -13.02 5.73
CA ASP A 104 -6.89 -13.78 5.05
C ASP A 104 -5.68 -12.92 4.65
N SER A 105 -5.93 -11.70 4.19
CA SER A 105 -4.86 -10.79 3.83
C SER A 105 -4.03 -10.39 5.06
N VAL A 106 -4.69 -10.20 6.19
CA VAL A 106 -3.96 -9.91 7.41
C VAL A 106 -3.19 -11.14 7.89
N ARG A 107 -3.84 -12.31 7.86
CA ARG A 107 -3.18 -13.53 8.33
C ARG A 107 -1.91 -13.86 7.53
N ALA A 108 -1.91 -13.52 6.24
CA ALA A 108 -0.75 -13.78 5.39
C ALA A 108 0.46 -13.05 5.95
N CYS A 109 0.24 -11.84 6.44
CA CYS A 109 1.30 -11.01 7.03
C CYS A 109 1.74 -11.58 8.37
N LEU A 110 0.76 -11.97 9.20
CA LEU A 110 1.06 -12.61 10.48
C LEU A 110 1.89 -13.89 10.30
N ASN A 111 1.58 -14.66 9.26
CA ASN A 111 2.34 -15.87 8.98
C ASN A 111 3.81 -15.58 8.73
N VAL A 112 4.08 -14.60 7.88
CA VAL A 112 5.47 -14.27 7.54
C VAL A 112 6.17 -13.71 8.76
N ALA A 113 5.44 -12.89 9.52
CA ALA A 113 6.01 -12.28 10.71
C ALA A 113 6.37 -13.32 11.77
N GLU A 114 5.55 -14.36 11.92
CA GLU A 114 5.89 -15.40 12.87
C GLU A 114 7.07 -16.25 12.40
N GLU A 115 7.13 -16.50 11.09
CA GLU A 115 8.25 -17.23 10.51
C GLU A 115 9.56 -16.49 10.77
N MET A 116 9.53 -15.19 10.57
CA MET A 116 10.75 -14.37 10.58
C MET A 116 11.02 -13.67 11.92
N GLY A 117 10.12 -13.84 12.88
CA GLY A 117 10.29 -13.29 14.21
C GLY A 117 10.07 -11.79 14.29
N ARG A 118 9.13 -11.29 13.49
CA ARG A 118 8.86 -9.86 13.46
C ARG A 118 7.42 -9.60 13.90
N GLU A 119 6.99 -8.35 13.79
CA GLU A 119 5.69 -7.95 14.33
C GLU A 119 4.82 -7.33 13.26
N VAL A 120 3.51 -7.51 13.41
CA VAL A 120 2.55 -6.87 12.54
C VAL A 120 1.69 -5.91 13.35
N PHE A 121 1.54 -4.68 12.86
CA PHE A 121 0.60 -3.70 13.41
C PHE A 121 -0.65 -3.64 12.54
N LEU A 122 -1.83 -3.81 13.13
CA LEU A 122 -3.07 -3.69 12.36
C LEU A 122 -3.59 -2.26 12.44
N LEU A 123 -3.76 -1.63 11.28
CA LEU A 123 -4.28 -0.27 11.21
C LEU A 123 -5.81 -0.36 11.27
N THR A 124 -6.41 0.19 12.32
CA THR A 124 -7.85 0.02 12.54
C THR A 124 -8.72 1.12 11.93
N GLU A 125 -8.14 2.31 11.81
CA GLU A 125 -8.88 3.52 11.50
C GLU A 125 -7.88 4.59 11.11
N MET A 126 -8.33 5.59 10.34
CA MET A 126 -7.44 6.67 9.89
C MET A 126 -8.05 8.02 10.22
N SER A 127 -7.23 9.07 10.20
CA SER A 127 -7.63 10.39 10.71
C SER A 127 -8.23 11.35 9.70
N HIS A 128 -7.93 11.16 8.41
CA HIS A 128 -8.29 12.13 7.38
C HIS A 128 -9.80 12.12 7.10
N PRO A 129 -10.34 13.23 6.53
CA PRO A 129 -11.80 13.33 6.36
C PRO A 129 -12.40 12.19 5.53
N GLY A 130 -11.71 11.77 4.49
CA GLY A 130 -12.21 10.71 3.64
C GLY A 130 -12.41 9.38 4.37
N ALA A 131 -11.80 9.25 5.53
CA ALA A 131 -11.94 8.03 6.34
C ALA A 131 -13.38 7.81 6.80
N GLU A 132 -14.21 8.85 6.74
CA GLU A 132 -15.60 8.74 7.17
C GLU A 132 -16.42 7.88 6.21
N MET A 133 -16.00 7.85 4.95
CA MET A 133 -16.78 7.19 3.91
C MET A 133 -16.94 5.68 4.11
N PHE A 134 -15.83 4.99 4.37
CA PHE A 134 -15.83 3.54 4.50
C PHE A 134 -15.09 3.04 5.72
N ILE A 135 -13.96 3.66 6.06
CA ILE A 135 -13.11 3.15 7.12
C ILE A 135 -13.75 3.29 8.50
N GLN A 136 -14.37 4.42 8.74
CA GLN A 136 -14.98 4.66 10.04
C GLN A 136 -16.01 3.59 10.39
N GLY A 137 -16.89 3.26 9.45
CA GLY A 137 -17.94 2.28 9.67
C GLY A 137 -17.42 0.86 9.87
N ALA A 138 -16.19 0.63 9.45
CA ALA A 138 -15.60 -0.71 9.53
C ALA A 138 -14.65 -0.89 10.70
N ALA A 139 -14.33 0.22 11.37
CA ALA A 139 -13.21 0.24 12.32
C ALA A 139 -13.36 -0.77 13.47
N ASP A 140 -14.54 -0.78 14.10
CA ASP A 140 -14.79 -1.69 15.23
C ASP A 140 -14.66 -3.15 14.80
N GLU A 141 -15.24 -3.49 13.65
CA GLU A 141 -15.16 -4.85 13.12
C GLU A 141 -13.73 -5.26 12.74
N ILE A 142 -12.96 -4.33 12.17
CA ILE A 142 -11.55 -4.60 11.86
C ILE A 142 -10.75 -4.84 13.14
N ALA A 143 -10.99 -4.03 14.16
CA ALA A 143 -10.36 -4.24 15.46
C ALA A 143 -10.70 -5.62 16.04
N ARG A 144 -11.97 -5.98 16.01
CA ARG A 144 -12.41 -7.29 16.52
C ARG A 144 -11.79 -8.43 15.69
N MET A 145 -11.70 -8.20 14.38
CA MET A 145 -11.02 -9.15 13.49
C MET A 145 -9.57 -9.36 13.94
N GLY A 146 -8.89 -8.26 14.27
CA GLY A 146 -7.53 -8.33 14.77
C GLY A 146 -7.45 -9.19 16.00
N VAL A 147 -8.35 -8.95 16.95
CA VAL A 147 -8.40 -9.75 18.17
C VAL A 147 -8.55 -11.23 17.84
N ASP A 148 -9.41 -11.55 16.87
CA ASP A 148 -9.65 -12.93 16.45
C ASP A 148 -8.55 -13.48 15.53
N LEU A 149 -7.52 -12.68 15.29
CA LEU A 149 -6.36 -13.11 14.51
C LEU A 149 -5.12 -13.17 15.39
N GLY A 150 -5.32 -12.98 16.69
CA GLY A 150 -4.21 -12.98 17.64
C GLY A 150 -3.29 -11.77 17.51
N VAL A 151 -3.79 -10.71 16.88
CA VAL A 151 -3.01 -9.48 16.71
C VAL A 151 -2.75 -8.79 18.06
N LYS A 152 -1.51 -8.35 18.26
CA LYS A 152 -1.09 -7.75 19.54
C LYS A 152 -0.62 -6.30 19.41
N ASN A 153 -0.59 -5.79 18.19
CA ASN A 153 -0.12 -4.43 17.92
C ASN A 153 -1.06 -3.71 16.99
N TYR A 154 -1.48 -2.51 17.38
CA TYR A 154 -2.51 -1.77 16.64
C TYR A 154 -2.12 -0.32 16.40
N VAL A 155 -2.73 0.27 15.38
CA VAL A 155 -2.59 1.70 15.12
C VAL A 155 -3.98 2.32 15.08
N GLY A 156 -4.15 3.43 15.80
CA GLY A 156 -5.42 4.14 15.81
C GLY A 156 -5.20 5.64 15.82
N PRO A 157 -6.22 6.43 15.46
CA PRO A 157 -6.01 7.88 15.35
C PRO A 157 -6.04 8.57 16.70
N SER A 158 -5.27 9.65 16.86
CA SER A 158 -5.29 10.40 18.10
C SER A 158 -6.32 11.53 18.08
N THR A 159 -6.76 11.92 16.88
CA THR A 159 -7.69 13.04 16.70
C THR A 159 -8.95 12.95 17.57
N ARG A 160 -9.55 11.76 17.62
CA ARG A 160 -10.72 11.56 18.44
C ARG A 160 -10.43 10.56 19.55
N PRO A 161 -10.06 11.05 20.73
CA PRO A 161 -9.64 10.21 21.86
C PRO A 161 -10.68 9.17 22.27
N GLU A 162 -11.96 9.54 22.22
CA GLU A 162 -13.02 8.59 22.56
C GLU A 162 -13.04 7.40 21.60
N ARG A 163 -12.46 7.58 20.42
CA ARG A 163 -12.31 6.47 19.49
C ARG A 163 -11.22 5.52 19.97
N LEU A 164 -10.20 6.08 20.61
CA LEU A 164 -9.11 5.26 21.15
C LEU A 164 -9.61 4.48 22.36
N SER A 165 -10.48 5.11 23.13
N SER A 165 -10.49 5.10 23.14
CA SER A 165 -11.08 4.46 24.30
CA SER A 165 -11.06 4.43 24.30
C SER A 165 -11.91 3.26 23.84
C SER A 165 -11.92 3.26 23.85
N ARG A 166 -12.67 3.46 22.76
CA ARG A 166 -13.47 2.39 22.18
C ARG A 166 -12.56 1.29 21.65
N LEU A 167 -11.50 1.70 20.94
CA LEU A 167 -10.56 0.74 20.39
C LEU A 167 -9.95 -0.08 21.53
N ARG A 168 -9.51 0.62 22.57
CA ARG A 168 -8.87 -0.02 23.71
C ARG A 168 -9.82 -1.00 24.40
N GLU A 169 -11.11 -0.68 24.40
CA GLU A 169 -12.13 -1.58 24.93
C GLU A 169 -12.23 -2.88 24.13
N ILE A 170 -12.07 -2.77 22.82
CA ILE A 170 -12.13 -3.95 21.95
C ILE A 170 -10.86 -4.79 22.04
N ILE A 171 -9.71 -4.15 22.02
CA ILE A 171 -8.44 -4.88 21.95
C ILE A 171 -7.94 -5.35 23.32
N GLY A 172 -8.49 -4.77 24.38
CA GLY A 172 -8.12 -5.16 25.73
C GLY A 172 -6.99 -4.30 26.24
N GLN A 173 -6.67 -4.46 27.53
CA GLN A 173 -5.74 -3.56 28.20
C GLN A 173 -4.26 -3.86 27.97
N ASP A 174 -3.96 -5.01 27.38
CA ASP A 174 -2.56 -5.44 27.28
C ASP A 174 -1.92 -5.23 25.89
N SER A 175 -2.73 -5.30 24.85
CA SER A 175 -2.25 -5.12 23.49
C SER A 175 -1.57 -3.76 23.30
N PHE A 176 -0.62 -3.70 22.37
CA PHE A 176 0.15 -2.51 22.13
C PHE A 176 -0.57 -1.61 21.13
N LEU A 177 -0.72 -0.33 21.48
CA LEU A 177 -1.44 0.62 20.64
C LEU A 177 -0.62 1.90 20.40
N ILE A 178 -0.40 2.25 19.13
CA ILE A 178 0.26 3.51 18.82
C ILE A 178 -0.67 4.42 18.00
N SER A 179 -0.46 5.71 18.13
CA SER A 179 -1.39 6.68 17.57
C SER A 179 -0.69 7.93 17.01
N PRO A 180 -1.01 8.28 15.75
CA PRO A 180 -0.46 9.51 15.14
C PRO A 180 -1.20 10.75 15.61
N GLY A 190 -1.22 13.55 25.44
CA GLY A 190 -1.68 13.89 26.78
C GLY A 190 -2.82 12.98 27.22
N GLU A 191 -3.99 13.20 26.62
CA GLU A 191 -5.11 12.32 26.84
C GLU A 191 -4.93 11.10 25.92
N THR A 192 -4.08 11.25 24.92
CA THR A 192 -3.82 10.16 23.98
C THR A 192 -3.14 9.02 24.72
N LEU A 193 -2.21 9.37 25.59
CA LEU A 193 -1.38 8.39 26.30
C LEU A 193 -2.10 7.71 27.47
N ARG A 194 -3.38 8.00 27.64
CA ARG A 194 -4.19 7.28 28.60
C ARG A 194 -4.66 5.98 27.96
N PHE A 195 -4.66 5.97 26.63
CA PHE A 195 -5.13 4.82 25.86
C PHE A 195 -4.03 4.21 24.98
N ALA A 196 -3.30 5.05 24.26
CA ALA A 196 -2.20 4.55 23.43
C ALA A 196 -0.94 4.36 24.25
N ASP A 197 -0.07 3.47 23.81
CA ASP A 197 1.18 3.23 24.51
C ASP A 197 2.29 4.15 24.01
N ALA A 198 2.15 4.65 22.79
CA ALA A 198 3.11 5.61 22.23
C ALA A 198 2.42 6.51 21.23
N ILE A 199 2.94 7.73 21.07
CA ILE A 199 2.46 8.61 20.01
C ILE A 199 3.46 8.71 18.87
N ILE A 200 2.96 9.04 17.69
CA ILE A 200 3.78 9.12 16.47
C ILE A 200 3.82 10.58 16.05
N VAL A 201 5.03 11.15 15.95
CA VAL A 201 5.16 12.54 15.57
C VAL A 201 6.16 12.69 14.43
N GLY A 202 5.75 13.41 13.39
CA GLY A 202 6.61 13.61 12.23
C GLY A 202 7.09 15.05 12.10
N ARG A 203 6.33 15.84 11.35
CA ARG A 203 6.73 17.19 10.95
C ARG A 203 7.13 18.14 12.08
N SER A 204 6.48 18.03 13.24
CA SER A 204 6.79 18.91 14.37
C SER A 204 8.23 18.72 14.84
N ILE A 205 8.80 17.56 14.51
CA ILE A 205 10.18 17.26 14.84
C ILE A 205 11.08 17.46 13.63
N TYR A 206 10.77 16.79 12.52
CA TYR A 206 11.69 16.79 11.39
C TYR A 206 11.71 18.07 10.55
N LEU A 207 10.82 19.01 10.86
CA LEU A 207 10.81 20.29 10.17
C LEU A 207 11.28 21.44 11.07
N ALA A 208 11.52 21.13 12.34
CA ALA A 208 12.01 22.14 13.28
C ALA A 208 13.48 22.45 12.99
N ASP A 209 13.92 23.64 13.38
CA ASP A 209 15.32 24.04 13.17
C ASP A 209 16.24 23.25 14.10
N ASN A 210 15.72 22.91 15.27
CA ASN A 210 16.42 22.06 16.21
C ASN A 210 15.54 20.85 16.54
N PRO A 211 15.65 19.78 15.73
CA PRO A 211 14.83 18.59 15.92
C PRO A 211 15.00 17.98 17.31
N ALA A 212 16.21 18.02 17.86
CA ALA A 212 16.47 17.48 19.19
C ALA A 212 15.73 18.27 20.25
N ALA A 213 15.58 19.57 20.01
CA ALA A 213 14.85 20.44 20.94
C ALA A 213 13.36 20.18 20.83
N ALA A 214 12.87 20.00 19.61
CA ALA A 214 11.47 19.70 19.40
C ALA A 214 11.10 18.39 20.09
N ALA A 215 11.93 17.37 19.88
CA ALA A 215 11.73 16.07 20.50
C ALA A 215 11.78 16.17 22.04
N ALA A 216 12.71 16.98 22.54
CA ALA A 216 12.85 17.19 23.98
C ALA A 216 11.60 17.86 24.57
N GLY A 217 11.06 18.84 23.85
CA GLY A 217 9.89 19.56 24.28
C GLY A 217 8.67 18.68 24.41
N ILE A 218 8.45 17.85 23.40
CA ILE A 218 7.33 16.90 23.39
C ILE A 218 7.45 15.95 24.58
N ILE A 219 8.65 15.45 24.80
CA ILE A 219 8.91 14.50 25.87
C ILE A 219 8.72 15.12 27.26
N GLU A 220 9.08 16.39 27.41
CA GLU A 220 8.84 17.10 28.67
C GLU A 220 7.35 17.16 28.99
N SER A 221 6.53 17.39 27.95
CA SER A 221 5.09 17.39 28.11
C SER A 221 4.57 16.03 28.58
N ILE A 222 5.17 14.97 28.07
CA ILE A 222 4.78 13.60 28.43
C ILE A 222 4.99 13.35 29.93
N LYS A 223 5.96 14.04 30.51
CA LYS A 223 6.23 13.95 31.94
C LYS A 223 5.03 14.42 32.76
N ARG B 2 -15.26 -5.43 -27.12
CA ARG B 2 -15.28 -3.98 -26.95
C ARG B 2 -14.30 -3.28 -27.90
N SER B 3 -14.76 -2.23 -28.57
CA SER B 3 -13.84 -1.44 -29.40
C SER B 3 -13.02 -0.46 -28.54
N ARG B 4 -11.83 -0.12 -29.02
CA ARG B 4 -10.95 0.82 -28.32
C ARG B 4 -11.56 2.21 -28.30
N ARG B 5 -11.50 2.87 -27.15
CA ARG B 5 -11.90 4.27 -27.07
C ARG B 5 -10.66 5.11 -27.32
N VAL B 6 -10.80 6.17 -28.12
CA VAL B 6 -9.65 7.00 -28.47
C VAL B 6 -9.03 7.67 -27.25
N ASP B 7 -9.87 8.03 -26.28
CA ASP B 7 -9.39 8.84 -25.16
C ASP B 7 -8.77 8.05 -24.00
N VAL B 8 -8.72 6.71 -24.12
CA VAL B 8 -8.05 5.92 -23.09
C VAL B 8 -6.92 5.04 -23.67
N MET B 9 -6.10 4.47 -22.79
CA MET B 9 -4.89 3.77 -23.22
C MET B 9 -5.14 2.54 -24.10
N ASP B 10 -4.24 2.32 -25.05
CA ASP B 10 -4.28 1.13 -25.89
C ASP B 10 -3.32 0.11 -25.33
N VAL B 11 -3.84 -1.03 -24.91
CA VAL B 11 -3.01 -2.11 -24.42
C VAL B 11 -2.88 -3.12 -25.54
N MET B 12 -1.65 -3.43 -25.95
CA MET B 12 -1.46 -4.34 -27.07
C MET B 12 -2.03 -5.72 -26.77
N ASN B 13 -2.83 -6.23 -27.71
CA ASN B 13 -3.48 -7.53 -27.58
C ASN B 13 -4.37 -7.70 -26.35
N ARG B 14 -4.66 -6.61 -25.65
CA ARG B 14 -5.54 -6.61 -24.47
C ARG B 14 -5.04 -7.52 -23.36
N LEU B 15 -3.73 -7.68 -23.31
CA LEU B 15 -3.09 -8.58 -22.35
C LEU B 15 -2.00 -7.86 -21.59
N ILE B 16 -2.19 -7.70 -20.28
CA ILE B 16 -1.22 -7.05 -19.42
C ILE B 16 -0.44 -8.11 -18.65
N LEU B 17 0.89 -8.03 -18.69
CA LEU B 17 1.69 -8.96 -17.91
C LEU B 17 1.83 -8.49 -16.46
N ALA B 18 1.44 -9.33 -15.51
CA ALA B 18 1.69 -9.03 -14.10
C ALA B 18 3.05 -9.62 -13.74
N MET B 19 4.05 -8.74 -13.57
CA MET B 19 5.39 -9.24 -13.34
C MET B 19 5.70 -9.19 -11.86
N ASP B 20 5.39 -10.30 -11.19
CA ASP B 20 5.55 -10.38 -9.75
C ASP B 20 6.74 -11.23 -9.29
N LEU B 21 7.61 -11.61 -10.23
CA LEU B 21 8.90 -12.21 -9.88
C LEU B 21 9.70 -11.18 -9.09
N MET B 22 10.55 -11.66 -8.19
CA MET B 22 11.15 -10.75 -7.24
C MET B 22 12.64 -10.58 -7.48
N ASN B 23 13.14 -11.22 -8.52
CA ASN B 23 14.52 -11.15 -8.92
C ASN B 23 14.64 -10.43 -10.27
N ARG B 24 15.50 -9.41 -10.33
CA ARG B 24 15.66 -8.58 -11.52
C ARG B 24 15.98 -9.40 -12.77
N ASP B 25 16.87 -10.36 -12.64
CA ASP B 25 17.29 -11.14 -13.82
C ASP B 25 16.13 -11.92 -14.44
N ASP B 26 15.35 -12.59 -13.61
CA ASP B 26 14.24 -13.38 -14.08
C ASP B 26 13.13 -12.49 -14.63
N ALA B 27 12.92 -11.36 -13.97
CA ALA B 27 11.87 -10.42 -14.38
C ALA B 27 12.16 -9.83 -15.76
N LEU B 28 13.39 -9.40 -15.97
CA LEU B 28 13.81 -8.83 -17.26
C LEU B 28 13.77 -9.87 -18.38
N ARG B 29 14.22 -11.09 -18.08
CA ARG B 29 14.23 -12.17 -19.06
C ARG B 29 12.83 -12.44 -19.60
N VAL B 30 11.89 -12.68 -18.69
CA VAL B 30 10.50 -12.96 -19.08
C VAL B 30 9.87 -11.82 -19.87
N THR B 31 10.02 -10.60 -19.38
CA THR B 31 9.43 -9.44 -20.02
C THR B 31 9.95 -9.22 -21.45
N GLY B 32 11.27 -9.38 -21.64
CA GLY B 32 11.85 -9.24 -22.98
C GLY B 32 11.33 -10.29 -23.94
N GLU B 33 11.06 -11.47 -23.41
CA GLU B 33 10.61 -12.58 -24.24
C GLU B 33 9.19 -12.40 -24.79
N VAL B 34 8.35 -11.67 -24.05
CA VAL B 34 6.97 -11.50 -24.44
C VAL B 34 6.70 -10.12 -25.05
N ARG B 35 7.75 -9.32 -25.24
CA ARG B 35 7.55 -7.93 -25.69
C ARG B 35 6.83 -7.85 -27.04
N GLU B 36 6.97 -8.89 -27.85
CA GLU B 36 6.32 -8.93 -29.16
C GLU B 36 4.83 -9.23 -29.02
N TYR B 37 4.39 -9.55 -27.81
CA TYR B 37 2.99 -9.89 -27.58
C TYR B 37 2.32 -8.88 -26.67
N ILE B 38 3.10 -8.29 -25.77
CA ILE B 38 2.58 -7.42 -24.73
C ILE B 38 3.36 -6.11 -24.68
N ASP B 39 2.66 -4.98 -24.53
CA ASP B 39 3.35 -3.68 -24.43
C ASP B 39 3.09 -2.98 -23.10
N THR B 40 2.35 -3.66 -22.23
CA THR B 40 1.95 -3.10 -20.95
C THR B 40 2.27 -4.09 -19.83
N VAL B 41 3.06 -3.63 -18.86
CA VAL B 41 3.51 -4.48 -17.78
C VAL B 41 3.08 -3.87 -16.45
N LYS B 42 2.50 -4.71 -15.58
CA LYS B 42 2.12 -4.27 -14.23
C LYS B 42 3.18 -4.75 -13.25
N ILE B 43 3.79 -3.81 -12.54
CA ILE B 43 4.85 -4.10 -11.59
C ILE B 43 4.35 -3.71 -10.20
N GLY B 44 4.60 -4.56 -9.21
CA GLY B 44 4.14 -4.27 -7.87
C GLY B 44 5.28 -4.15 -6.88
N TYR B 45 4.94 -3.97 -5.62
CA TYR B 45 5.94 -3.90 -4.56
C TYR B 45 6.89 -5.11 -4.41
N PRO B 46 6.41 -6.35 -4.67
CA PRO B 46 7.39 -7.43 -4.49
C PRO B 46 8.67 -7.24 -5.32
N LEU B 47 8.52 -6.80 -6.56
CA LEU B 47 9.70 -6.57 -7.40
C LEU B 47 10.43 -5.26 -7.03
N VAL B 48 9.70 -4.16 -6.86
CA VAL B 48 10.38 -2.88 -6.60
C VAL B 48 11.03 -2.80 -5.21
N LEU B 49 10.46 -3.47 -4.22
CA LEU B 49 11.07 -3.48 -2.90
C LEU B 49 12.30 -4.39 -2.85
N SER B 50 12.34 -5.37 -3.75
CA SER B 50 13.46 -6.30 -3.80
C SER B 50 14.60 -5.73 -4.63
N GLU B 51 14.25 -5.02 -5.70
CA GLU B 51 15.25 -4.62 -6.67
C GLU B 51 15.46 -3.12 -6.82
N GLY B 52 14.55 -2.34 -6.27
CA GLY B 52 14.67 -0.88 -6.31
C GLY B 52 13.75 -0.27 -7.34
N MET B 53 13.36 0.98 -7.13
CA MET B 53 12.45 1.66 -8.05
C MET B 53 13.11 1.93 -9.41
N ASP B 54 14.43 1.87 -9.44
CA ASP B 54 15.16 2.02 -10.70
C ASP B 54 14.80 0.96 -11.73
N ILE B 55 14.19 -0.14 -11.27
CA ILE B 55 13.78 -1.21 -12.18
C ILE B 55 12.77 -0.71 -13.21
N ILE B 56 11.94 0.26 -12.82
CA ILE B 56 10.94 0.81 -13.71
C ILE B 56 11.58 1.45 -14.95
N ALA B 57 12.62 2.24 -14.73
CA ALA B 57 13.28 2.94 -15.84
C ALA B 57 13.98 1.91 -16.71
N GLU B 58 14.39 0.81 -16.10
CA GLU B 58 15.06 -0.25 -16.86
C GLU B 58 14.10 -0.98 -17.78
N PHE B 59 12.91 -1.33 -17.29
CA PHE B 59 11.88 -1.93 -18.12
C PHE B 59 11.57 -1.01 -19.30
N ARG B 60 11.48 0.29 -19.01
CA ARG B 60 11.15 1.26 -20.04
C ARG B 60 12.28 1.42 -21.07
N LYS B 61 13.51 1.55 -20.60
CA LYS B 61 14.65 1.73 -21.51
C LYS B 61 14.96 0.48 -22.34
N ARG B 62 14.68 -0.70 -21.79
CA ARG B 62 14.96 -1.94 -22.50
C ARG B 62 13.84 -2.39 -23.44
N PHE B 63 12.59 -2.18 -23.03
CA PHE B 63 11.46 -2.77 -23.73
C PHE B 63 10.46 -1.73 -24.24
N GLY B 64 10.53 -0.53 -23.68
CA GLY B 64 9.66 0.55 -24.09
C GLY B 64 8.20 0.25 -23.78
N CYS B 65 7.99 -0.60 -22.78
CA CYS B 65 6.65 -0.99 -22.41
C CYS B 65 6.04 0.08 -21.49
N ARG B 66 4.72 0.15 -21.51
CA ARG B 66 3.97 0.94 -20.54
C ARG B 66 4.06 0.25 -19.18
N ILE B 67 4.24 1.03 -18.12
CA ILE B 67 4.34 0.47 -16.77
C ILE B 67 3.20 0.96 -15.91
N ILE B 68 2.44 0.02 -15.34
CA ILE B 68 1.43 0.30 -14.33
C ILE B 68 1.98 -0.13 -12.97
N ALA B 69 2.11 0.82 -12.04
CA ALA B 69 2.62 0.50 -10.72
C ALA B 69 1.43 0.03 -9.88
N ASP B 70 1.40 -1.26 -9.55
CA ASP B 70 0.30 -1.79 -8.74
C ASP B 70 0.65 -1.65 -7.26
N PHE B 71 0.50 -0.43 -6.75
CA PHE B 71 0.99 -0.10 -5.41
C PHE B 71 -0.17 -0.03 -4.43
N LYS B 72 -1.39 -0.17 -4.95
CA LYS B 72 -2.60 -0.16 -4.15
C LYS B 72 -2.56 0.92 -3.08
N VAL B 73 -2.33 2.14 -3.54
CA VAL B 73 -2.07 3.29 -2.67
C VAL B 73 -3.26 3.48 -1.73
N ALA B 74 -2.96 3.56 -0.44
CA ALA B 74 -4.03 3.54 0.57
C ALA B 74 -3.65 4.31 1.82
N ASP B 75 -3.04 5.49 1.64
CA ASP B 75 -2.66 6.29 2.79
C ASP B 75 -3.52 7.55 2.91
N ILE B 76 -3.14 8.44 3.83
CA ILE B 76 -3.81 9.73 3.95
C ILE B 76 -3.43 10.57 2.72
N PRO B 77 -4.20 11.63 2.43
CA PRO B 77 -3.94 12.41 1.22
C PRO B 77 -2.52 12.95 1.06
N GLU B 78 -1.92 13.52 2.11
CA GLU B 78 -0.61 14.12 1.95
C GLU B 78 0.44 13.06 1.62
N THR B 79 0.30 11.89 2.22
CA THR B 79 1.23 10.79 1.97
C THR B 79 1.01 10.17 0.60
N ASN B 80 -0.26 10.01 0.21
CA ASN B 80 -0.57 9.53 -1.13
C ASN B 80 0.08 10.39 -2.21
N GLU B 81 0.07 11.70 -1.98
CA GLU B 81 0.68 12.63 -2.91
C GLU B 81 2.17 12.32 -3.11
N LYS B 82 2.87 12.05 -2.01
CA LYS B 82 4.31 11.80 -2.10
C LYS B 82 4.62 10.47 -2.77
N ILE B 83 3.81 9.46 -2.45
CA ILE B 83 3.96 8.15 -3.05
C ILE B 83 3.76 8.22 -4.56
N CYS B 84 2.73 8.93 -4.99
CA CYS B 84 2.48 9.08 -6.43
C CYS B 84 3.59 9.87 -7.11
N ARG B 85 4.05 10.94 -6.47
N ARG B 85 4.06 10.94 -6.46
CA ARG B 85 5.10 11.76 -7.05
CA ARG B 85 5.10 11.77 -7.04
C ARG B 85 6.37 10.93 -7.25
C ARG B 85 6.37 10.95 -7.23
N ALA B 86 6.74 10.16 -6.23
CA ALA B 86 7.96 9.35 -6.30
C ALA B 86 7.82 8.27 -7.36
N THR B 87 6.62 7.72 -7.46
CA THR B 87 6.36 6.62 -8.41
C THR B 87 6.38 7.09 -9.86
N PHE B 88 5.78 8.26 -10.12
CA PHE B 88 5.80 8.85 -11.46
C PHE B 88 7.18 9.37 -11.82
N LYS B 89 7.89 9.91 -10.83
CA LYS B 89 9.27 10.39 -11.04
C LYS B 89 10.13 9.23 -11.52
N ALA B 90 9.89 8.06 -10.94
CA ALA B 90 10.61 6.83 -11.31
C ALA B 90 10.24 6.35 -12.72
N GLY B 91 9.17 6.88 -13.28
CA GLY B 91 8.82 6.60 -14.67
C GLY B 91 7.55 5.80 -14.93
N ALA B 92 6.84 5.43 -13.88
CA ALA B 92 5.57 4.70 -14.07
C ALA B 92 4.57 5.56 -14.82
N ASP B 93 3.85 4.95 -15.75
CA ASP B 93 2.85 5.66 -16.56
C ASP B 93 1.54 5.80 -15.81
N ALA B 94 1.30 4.89 -14.87
CA ALA B 94 0.04 4.82 -14.15
C ALA B 94 0.25 4.12 -12.83
N ILE B 95 -0.66 4.36 -11.90
CA ILE B 95 -0.57 3.79 -10.55
C ILE B 95 -1.96 3.29 -10.15
N ILE B 96 -2.01 2.18 -9.42
CA ILE B 96 -3.29 1.65 -8.94
C ILE B 96 -3.50 2.08 -7.50
N VAL B 97 -4.68 2.64 -7.22
N VAL B 97 -4.67 2.66 -7.23
CA VAL B 97 -4.98 3.25 -5.93
CA VAL B 97 -4.95 3.17 -5.90
C VAL B 97 -6.24 2.66 -5.32
C VAL B 97 -6.21 2.55 -5.33
N HIS B 98 -6.23 2.40 -4.00
CA HIS B 98 -7.43 1.93 -3.31
C HIS B 98 -8.45 3.05 -3.18
N GLY B 99 -9.72 2.67 -3.16
CA GLY B 99 -10.80 3.62 -2.96
C GLY B 99 -11.34 3.64 -1.54
N PHE B 100 -11.10 2.58 -0.78
N PHE B 100 -11.08 2.56 -0.80
CA PHE B 100 -11.67 2.51 0.57
CA PHE B 100 -11.57 2.42 0.56
C PHE B 100 -11.21 3.61 1.55
C PHE B 100 -11.20 3.59 1.50
N PRO B 101 -9.99 4.16 1.37
CA PRO B 101 -9.67 5.31 2.24
C PRO B 101 -10.46 6.60 1.91
N GLY B 102 -11.24 6.61 0.85
CA GLY B 102 -12.16 7.72 0.61
C GLY B 102 -11.72 8.70 -0.45
N ALA B 103 -12.57 9.70 -0.70
CA ALA B 103 -12.45 10.55 -1.88
C ALA B 103 -11.22 11.45 -1.86
N ASP B 104 -10.92 12.07 -0.72
CA ASP B 104 -9.74 12.94 -0.62
C ASP B 104 -8.43 12.20 -0.90
N SER B 105 -8.32 10.98 -0.39
CA SER B 105 -7.13 10.16 -0.66
C SER B 105 -6.97 9.84 -2.14
N VAL B 106 -8.08 9.56 -2.80
CA VAL B 106 -8.03 9.32 -4.23
C VAL B 106 -7.72 10.59 -5.00
N ARG B 107 -8.39 11.68 -4.66
CA ARG B 107 -8.18 12.95 -5.36
C ARG B 107 -6.71 13.41 -5.25
N ALA B 108 -6.07 13.13 -4.12
CA ALA B 108 -4.66 13.50 -3.95
C ALA B 108 -3.82 12.87 -5.05
N CYS B 109 -4.12 11.61 -5.39
CA CYS B 109 -3.40 10.90 -6.44
C CYS B 109 -3.73 11.48 -7.81
N LEU B 110 -5.01 11.76 -8.02
CA LEU B 110 -5.46 12.37 -9.29
C LEU B 110 -4.79 13.72 -9.53
N ASN B 111 -4.61 14.50 -8.46
CA ASN B 111 -3.94 15.79 -8.57
C ASN B 111 -2.52 15.67 -9.10
N VAL B 112 -1.76 14.76 -8.51
CA VAL B 112 -0.37 14.55 -8.93
C VAL B 112 -0.34 14.02 -10.34
N ALA B 113 -1.25 13.10 -10.67
CA ALA B 113 -1.26 12.53 -12.00
C ALA B 113 -1.58 13.61 -13.03
N GLU B 114 -2.49 14.52 -12.69
CA GLU B 114 -2.82 15.63 -13.56
C GLU B 114 -1.58 16.51 -13.79
N GLU B 115 -0.86 16.79 -12.71
CA GLU B 115 0.32 17.64 -12.78
C GLU B 115 1.40 17.04 -13.66
N MET B 116 1.57 15.73 -13.55
CA MET B 116 2.70 15.04 -14.18
C MET B 116 2.34 14.35 -15.50
N GLY B 117 1.06 14.42 -15.88
CA GLY B 117 0.60 13.86 -17.13
C GLY B 117 0.52 12.34 -17.12
N ARG B 118 0.18 11.79 -15.96
CA ARG B 118 0.09 10.34 -15.83
C ARG B 118 -1.34 9.92 -15.49
N GLU B 119 -1.54 8.64 -15.20
CA GLU B 119 -2.89 8.10 -15.03
C GLU B 119 -3.09 7.41 -13.70
N VAL B 120 -4.31 7.46 -13.20
CA VAL B 120 -4.64 6.76 -11.96
C VAL B 120 -5.69 5.70 -12.28
N PHE B 121 -5.45 4.47 -11.82
CA PHE B 121 -6.44 3.39 -11.85
C PHE B 121 -7.07 3.24 -10.47
N LEU B 122 -8.40 3.30 -10.39
CA LEU B 122 -9.09 3.05 -9.13
C LEU B 122 -9.45 1.59 -8.99
N LEU B 123 -8.97 0.97 -7.91
CA LEU B 123 -9.29 -0.43 -7.62
C LEU B 123 -10.64 -0.50 -6.93
N THR B 124 -11.62 -1.09 -7.59
CA THR B 124 -12.98 -1.07 -7.05
C THR B 124 -13.30 -2.22 -6.10
N GLU B 125 -12.63 -3.34 -6.30
CA GLU B 125 -13.00 -4.60 -5.69
C GLU B 125 -11.87 -5.60 -5.89
N MET B 126 -11.75 -6.58 -4.99
CA MET B 126 -10.67 -7.56 -5.08
C MET B 126 -11.28 -8.96 -5.07
N SER B 127 -10.52 -9.96 -5.50
CA SER B 127 -11.12 -11.29 -5.72
C SER B 127 -10.88 -12.36 -4.65
N HIS B 128 -9.99 -12.09 -3.69
CA HIS B 128 -9.66 -13.06 -2.66
C HIS B 128 -10.82 -13.18 -1.65
N PRO B 129 -10.92 -14.31 -0.94
CA PRO B 129 -12.08 -14.56 -0.06
C PRO B 129 -12.29 -13.47 0.99
N GLY B 130 -11.21 -12.96 1.55
CA GLY B 130 -11.30 -11.92 2.56
C GLY B 130 -11.98 -10.65 2.06
N ALA B 131 -12.05 -10.48 0.75
CA ALA B 131 -12.67 -9.28 0.18
C ALA B 131 -14.17 -9.21 0.49
N GLU B 132 -14.75 -10.33 0.93
CA GLU B 132 -16.18 -10.37 1.25
C GLU B 132 -16.50 -9.57 2.53
N MET B 133 -15.50 -9.44 3.40
CA MET B 133 -15.76 -8.85 4.71
C MET B 133 -16.13 -7.38 4.65
N PHE B 134 -15.35 -6.60 3.91
CA PHE B 134 -15.57 -5.16 3.82
C PHE B 134 -15.58 -4.62 2.39
N ILE B 135 -14.68 -5.12 1.56
CA ILE B 135 -14.52 -4.57 0.21
C ILE B 135 -15.74 -4.80 -0.68
N GLN B 136 -16.28 -6.01 -0.67
CA GLN B 136 -17.43 -6.33 -1.49
C GLN B 136 -18.60 -5.39 -1.25
N GLY B 137 -18.93 -5.13 0.02
CA GLY B 137 -20.04 -4.27 0.37
C GLY B 137 -19.84 -2.81 -0.01
N ALA B 138 -18.58 -2.43 -0.19
CA ALA B 138 -18.23 -1.05 -0.53
C ALA B 138 -18.04 -0.82 -2.03
N ALA B 139 -17.99 -1.91 -2.80
CA ALA B 139 -17.51 -1.84 -4.18
C ALA B 139 -18.29 -0.88 -5.08
N ASP B 140 -19.62 -0.99 -5.07
CA ASP B 140 -20.46 -0.11 -5.90
C ASP B 140 -20.27 1.35 -5.52
N GLU B 141 -20.23 1.64 -4.22
CA GLU B 141 -20.04 3.02 -3.75
C GLU B 141 -18.67 3.58 -4.15
N ILE B 142 -17.63 2.74 -4.09
CA ILE B 142 -16.29 3.14 -4.52
C ILE B 142 -16.25 3.45 -6.02
N ALA B 143 -16.90 2.61 -6.82
CA ALA B 143 -16.99 2.87 -8.25
C ALA B 143 -17.71 4.20 -8.53
N ARG B 144 -18.85 4.43 -7.86
CA ARG B 144 -19.60 5.68 -8.02
C ARG B 144 -18.73 6.86 -7.57
N MET B 145 -17.98 6.64 -6.51
CA MET B 145 -17.03 7.67 -6.05
C MET B 145 -16.03 8.01 -7.16
N GLY B 146 -15.53 6.99 -7.84
CA GLY B 146 -14.63 7.19 -8.96
C GLY B 146 -15.27 8.02 -10.04
N VAL B 147 -16.52 7.70 -10.40
CA VAL B 147 -17.22 8.47 -11.41
C VAL B 147 -17.32 9.94 -11.00
N ASP B 148 -17.61 10.19 -9.73
CA ASP B 148 -17.70 11.55 -9.19
C ASP B 148 -16.34 12.21 -8.91
N LEU B 149 -15.25 11.50 -9.24
CA LEU B 149 -13.91 12.06 -9.11
C LEU B 149 -13.31 12.22 -10.50
N GLY B 150 -14.10 11.92 -11.52
CA GLY B 150 -13.66 12.00 -12.91
C GLY B 150 -12.67 10.92 -13.27
N VAL B 151 -12.66 9.83 -12.51
CA VAL B 151 -11.76 8.70 -12.78
C VAL B 151 -12.13 8.03 -14.11
N LYS B 152 -11.12 7.74 -14.93
CA LYS B 152 -11.30 7.14 -16.26
C LYS B 152 -10.70 5.74 -16.40
N ASN B 153 -10.03 5.26 -15.37
CA ASN B 153 -9.38 3.94 -15.40
C ASN B 153 -9.68 3.17 -14.13
N TYR B 154 -10.13 1.92 -14.29
CA TYR B 154 -10.57 1.10 -13.16
C TYR B 154 -9.98 -0.30 -13.18
N VAL B 155 -9.93 -0.93 -12.01
CA VAL B 155 -9.53 -2.31 -11.90
C VAL B 155 -10.66 -3.08 -11.20
N GLY B 156 -11.06 -4.21 -11.77
CA GLY B 156 -12.07 -5.05 -11.14
C GLY B 156 -11.76 -6.53 -11.32
N PRO B 157 -12.34 -7.39 -10.48
CA PRO B 157 -12.01 -8.82 -10.53
C PRO B 157 -12.66 -9.54 -11.71
N SER B 158 -11.97 -10.53 -12.27
CA SER B 158 -12.52 -11.31 -13.38
C SER B 158 -13.30 -12.53 -12.93
N THR B 159 -13.03 -13.01 -11.72
CA THR B 159 -13.63 -14.26 -11.24
C THR B 159 -15.17 -14.25 -11.20
N ARG B 160 -15.76 -13.11 -10.88
CA ARG B 160 -17.22 -13.00 -10.92
C ARG B 160 -17.64 -11.99 -11.99
N PRO B 161 -17.88 -12.49 -13.20
CA PRO B 161 -18.14 -11.66 -14.38
C PRO B 161 -19.36 -10.74 -14.25
N GLU B 162 -20.43 -11.23 -13.63
CA GLU B 162 -21.61 -10.39 -13.40
C GLU B 162 -21.25 -9.18 -12.53
N ARG B 163 -20.16 -9.28 -11.78
CA ARG B 163 -19.70 -8.14 -11.02
C ARG B 163 -19.05 -7.11 -11.95
N LEU B 164 -18.46 -7.59 -13.04
CA LEU B 164 -17.85 -6.69 -14.02
C LEU B 164 -18.92 -5.96 -14.81
N SER B 165 -20.02 -6.67 -15.08
N SER B 165 -20.02 -6.66 -15.09
CA SER B 165 -21.16 -6.09 -15.77
CA SER B 165 -21.14 -6.04 -15.78
C SER B 165 -21.76 -4.97 -14.91
C SER B 165 -21.75 -4.95 -14.91
N ARG B 166 -21.86 -5.22 -13.61
CA ARG B 166 -22.35 -4.22 -12.67
C ARG B 166 -21.41 -3.02 -12.64
N LEU B 167 -20.11 -3.30 -12.56
CA LEU B 167 -19.11 -2.25 -12.54
C LEU B 167 -19.25 -1.42 -13.80
N ARG B 168 -19.32 -2.10 -14.94
CA ARG B 168 -19.40 -1.43 -16.23
C ARG B 168 -20.66 -0.56 -16.31
N GLU B 169 -21.76 -1.00 -15.70
CA GLU B 169 -22.97 -0.20 -15.63
C GLU B 169 -22.77 1.10 -14.84
N ILE B 170 -21.97 1.02 -13.78
CA ILE B 170 -21.70 2.21 -12.97
C ILE B 170 -20.75 3.17 -13.68
N ILE B 171 -19.68 2.64 -14.24
CA ILE B 171 -18.62 3.49 -14.79
C ILE B 171 -18.92 3.98 -16.21
N GLY B 172 -19.85 3.32 -16.87
CA GLY B 172 -20.26 3.73 -18.21
C GLY B 172 -19.46 2.98 -19.25
N GLN B 173 -19.80 3.18 -20.52
CA GLN B 173 -19.26 2.34 -21.58
C GLN B 173 -17.89 2.79 -22.09
N ASP B 174 -17.45 3.97 -21.68
CA ASP B 174 -16.22 4.53 -22.26
C ASP B 174 -14.98 4.41 -21.37
N SER B 175 -15.18 4.42 -20.05
CA SER B 175 -14.06 4.27 -19.12
C SER B 175 -13.25 3.00 -19.38
N PHE B 176 -11.96 3.06 -19.03
CA PHE B 176 -11.06 1.95 -19.24
C PHE B 176 -11.08 1.00 -18.03
N LEU B 177 -11.28 -0.28 -18.30
CA LEU B 177 -11.39 -1.30 -17.25
C LEU B 177 -10.44 -2.47 -17.47
N ILE B 178 -9.57 -2.74 -16.49
CA ILE B 178 -8.72 -3.92 -16.56
C ILE B 178 -9.03 -4.88 -15.42
N SER B 179 -8.81 -6.16 -15.66
CA SER B 179 -9.25 -7.19 -14.74
C SER B 179 -8.26 -8.34 -14.62
N PRO B 180 -7.86 -8.69 -13.38
CA PRO B 180 -6.98 -9.83 -13.17
C PRO B 180 -7.72 -11.15 -13.27
N GLY B 190 -11.50 -14.96 -21.49
CA GLY B 190 -12.66 -15.12 -22.36
C GLY B 190 -13.60 -13.95 -22.20
N GLU B 191 -14.88 -14.27 -21.96
CA GLU B 191 -15.97 -13.29 -21.76
C GLU B 191 -15.69 -12.15 -20.77
N THR B 192 -14.57 -12.23 -20.07
CA THR B 192 -14.11 -11.10 -19.26
C THR B 192 -14.00 -9.89 -20.19
N LEU B 193 -13.61 -10.16 -21.43
CA LEU B 193 -13.37 -9.10 -22.41
C LEU B 193 -14.64 -8.56 -23.06
N ARG B 194 -15.79 -9.00 -22.57
CA ARG B 194 -17.05 -8.40 -22.96
C ARG B 194 -17.27 -7.13 -22.12
N PHE B 195 -16.63 -7.10 -20.95
CA PHE B 195 -16.75 -5.97 -20.04
C PHE B 195 -15.43 -5.23 -19.82
N ALA B 196 -14.35 -5.97 -19.58
CA ALA B 196 -13.04 -5.34 -19.41
C ALA B 196 -12.38 -5.05 -20.74
N ASP B 197 -11.47 -4.08 -20.76
CA ASP B 197 -10.77 -3.71 -21.98
C ASP B 197 -9.48 -4.49 -22.12
N ALA B 198 -8.94 -4.97 -21.00
CA ALA B 198 -7.76 -5.83 -21.04
C ALA B 198 -7.78 -6.77 -19.84
N ILE B 199 -7.16 -7.94 -19.99
CA ILE B 199 -6.95 -8.83 -18.85
C ILE B 199 -5.50 -8.79 -18.35
N ILE B 200 -5.32 -9.14 -17.08
CA ILE B 200 -4.01 -9.12 -16.43
C ILE B 200 -3.60 -10.55 -16.10
N VAL B 201 -2.47 -10.99 -16.64
CA VAL B 201 -2.02 -12.35 -16.41
C VAL B 201 -0.58 -12.40 -15.91
N GLY B 202 -0.36 -13.09 -14.80
CA GLY B 202 0.96 -13.23 -14.22
C GLY B 202 1.56 -14.61 -14.39
N ARG B 203 1.39 -15.45 -13.36
CA ARG B 203 2.05 -16.74 -13.25
C ARG B 203 1.93 -17.68 -14.46
N SER B 204 0.80 -17.64 -15.15
CA SER B 204 0.61 -18.49 -16.33
C SER B 204 1.60 -18.16 -17.42
N ILE B 205 2.15 -16.96 -17.37
CA ILE B 205 3.14 -16.53 -18.34
C ILE B 205 4.55 -16.60 -17.76
N TYR B 206 4.74 -15.99 -16.60
CA TYR B 206 6.11 -15.86 -16.08
C TYR B 206 6.67 -17.11 -15.38
N LEU B 207 5.82 -18.11 -15.13
CA LEU B 207 6.29 -19.37 -14.56
C LEU B 207 6.35 -20.49 -15.60
N ALA B 208 5.96 -20.18 -16.84
CA ALA B 208 5.99 -21.16 -17.92
C ALA B 208 7.41 -21.36 -18.43
N ASP B 209 7.69 -22.51 -19.02
CA ASP B 209 9.02 -22.79 -19.57
C ASP B 209 9.29 -21.92 -20.79
N ASN B 210 8.25 -21.67 -21.56
CA ASN B 210 8.32 -20.75 -22.69
C ASN B 210 7.28 -19.65 -22.51
N PRO B 211 7.68 -18.53 -21.89
CA PRO B 211 6.75 -17.42 -21.65
C PRO B 211 6.14 -16.88 -22.93
N ALA B 212 6.94 -16.79 -23.98
CA ALA B 212 6.47 -16.26 -25.27
C ALA B 212 5.36 -17.14 -25.84
N ALA B 213 5.43 -18.44 -25.55
CA ALA B 213 4.43 -19.39 -26.02
C ALA B 213 3.15 -19.29 -25.21
N ALA B 214 3.29 -19.07 -23.91
CA ALA B 214 2.15 -18.92 -23.03
C ALA B 214 1.39 -17.67 -23.39
N ALA B 215 2.13 -16.59 -23.63
CA ALA B 215 1.55 -15.33 -24.06
C ALA B 215 0.85 -15.48 -25.41
N ALA B 216 1.46 -16.25 -26.31
CA ALA B 216 0.87 -16.49 -27.62
C ALA B 216 -0.43 -17.29 -27.52
N GLY B 217 -0.42 -18.29 -26.64
CA GLY B 217 -1.57 -19.15 -26.46
C GLY B 217 -2.77 -18.40 -25.92
N ILE B 218 -2.54 -17.55 -24.93
CA ILE B 218 -3.60 -16.74 -24.36
C ILE B 218 -4.17 -15.82 -25.42
N ILE B 219 -3.29 -15.20 -26.19
CA ILE B 219 -3.67 -14.25 -27.22
C ILE B 219 -4.49 -14.89 -28.34
N GLU B 220 -4.15 -16.13 -28.70
CA GLU B 220 -4.93 -16.88 -29.68
C GLU B 220 -6.36 -17.11 -29.17
N SER B 221 -6.49 -17.34 -27.87
CA SER B 221 -7.80 -17.48 -27.24
C SER B 221 -8.62 -16.20 -27.36
N ILE B 222 -7.94 -15.06 -27.51
CA ILE B 222 -8.61 -13.77 -27.65
C ILE B 222 -9.03 -13.56 -29.12
N LYS B 223 -9.64 -14.58 -29.72
CA LYS B 223 -10.10 -14.49 -31.10
C LYS B 223 -11.50 -15.07 -31.26
#